data_1RB0
#
_entry.id   1RB0
#
_cell.length_a   51.591
_cell.length_b   67.519
_cell.length_c   35.165
_cell.angle_alpha   90.00
_cell.angle_beta   90.00
_cell.angle_gamma   90.00
#
_symmetry.space_group_name_H-M   'P 21 21 2'
#
loop_
_entity.id
_entity.type
_entity.pdbx_description
1 polymer '2-amino-4-hydroxy-6-hydroxymethyldihydropteridine pyrophosphokinase'
2 non-polymer 6-HYDROXYMETHYLPTERIN-DIPHOSPHATE
3 water water
#
_entity_poly.entity_id   1
_entity_poly.type   'polypeptide(L)'
_entity_poly.pdbx_seq_one_letter_code
;TVAYIAIGSNLASPLEQVNAALKALGDIPESHILTVSSFYRTPPLGPQDQPDYLNAAVALETSLAPEELLNHTQRIELQQ
GRVRKAERWGPRTLDLDIMLFGNEVINTERLTVPHYDMKNRGFMLWPLFEIAPELVFPDGEMLRQILHTRAFDKLNKW
;
_entity_poly.pdbx_strand_id   A
#
loop_
_chem_comp.id
_chem_comp.type
_chem_comp.name
_chem_comp.formula
HH2 non-polymer 6-HYDROXYMETHYLPTERIN-DIPHOSPHATE 'C7 H9 N5 O8 P2'
#
# COMPACT_ATOMS: atom_id res chain seq x y z
N THR A 1 9.33 9.78 -10.61
CA THR A 1 8.79 10.07 -9.29
C THR A 1 8.72 8.75 -8.53
N VAL A 2 9.01 8.80 -7.24
CA VAL A 2 8.90 7.51 -6.57
C VAL A 2 7.56 7.51 -5.86
N ALA A 3 6.78 6.52 -6.21
CA ALA A 3 5.49 6.38 -5.57
C ALA A 3 5.64 5.20 -4.63
N TYR A 4 5.02 5.31 -3.49
CA TYR A 4 5.00 4.19 -2.58
C TYR A 4 3.60 3.64 -2.60
N ILE A 5 3.53 2.37 -2.91
CA ILE A 5 2.21 1.76 -3.03
C ILE A 5 2.15 0.67 -2.00
N ALA A 6 1.05 0.72 -1.27
CA ALA A 6 0.80 -0.33 -0.33
C ALA A 6 0.00 -1.42 -1.04
N ILE A 7 0.39 -2.61 -0.69
CA ILE A 7 -0.35 -3.75 -1.19
C ILE A 7 -0.95 -4.40 0.04
N GLY A 8 -2.23 -4.67 -0.07
CA GLY A 8 -2.89 -5.44 0.97
C GLY A 8 -3.63 -6.54 0.25
N SER A 9 -3.51 -7.74 0.80
CA SER A 9 -4.37 -8.80 0.30
C SER A 9 -4.93 -9.51 1.51
N ASN A 10 -6.21 -9.77 1.49
CA ASN A 10 -6.78 -10.48 2.62
C ASN A 10 -7.13 -11.89 2.17
N LEU A 11 -6.52 -12.34 1.07
CA LEU A 11 -6.78 -13.73 0.70
C LEU A 11 -6.15 -14.63 1.72
N ALA A 12 -6.74 -15.78 1.91
CA ALA A 12 -6.14 -16.79 2.76
C ALA A 12 -4.77 -17.22 2.24
N SER A 13 -4.71 -17.28 0.92
CA SER A 13 -3.42 -17.57 0.31
C SER A 13 -3.11 -16.49 -0.70
N PRO A 14 -2.58 -15.41 -0.16
CA PRO A 14 -2.48 -14.20 -0.97
C PRO A 14 -1.25 -14.12 -1.81
N LEU A 15 -0.33 -15.09 -1.66
CA LEU A 15 0.93 -14.82 -2.32
C LEU A 15 0.81 -14.69 -3.82
N GLU A 16 -0.04 -15.52 -4.40
CA GLU A 16 -0.11 -15.53 -5.86
C GLU A 16 -0.75 -14.22 -6.31
N GLN A 17 -1.76 -13.79 -5.56
CA GLN A 17 -2.34 -12.51 -5.92
C GLN A 17 -1.35 -11.38 -5.77
N VAL A 18 -0.62 -11.44 -4.64
CA VAL A 18 0.30 -10.34 -4.43
C VAL A 18 1.36 -10.35 -5.51
N ASN A 19 1.77 -11.56 -5.88
CA ASN A 19 2.74 -11.61 -6.96
C ASN A 19 2.14 -11.10 -8.24
N ALA A 20 0.90 -11.49 -8.48
CA ALA A 20 0.30 -10.96 -9.72
C ALA A 20 0.22 -9.47 -9.64
N ALA A 21 -0.08 -8.96 -8.44
CA ALA A 21 -0.19 -7.53 -8.35
C ALA A 21 1.15 -6.88 -8.57
N LEU A 22 2.18 -7.48 -7.97
CA LEU A 22 3.52 -6.93 -8.16
C LEU A 22 3.93 -6.97 -9.61
N LYS A 23 3.60 -8.08 -10.25
CA LYS A 23 3.96 -8.14 -11.66
C LYS A 23 3.20 -6.98 -12.33
N ALA A 24 1.95 -6.89 -12.03
CA ALA A 24 1.15 -5.89 -12.70
C ALA A 24 1.73 -4.51 -12.46
N LEU A 25 2.11 -4.26 -11.19
CA LEU A 25 2.71 -2.99 -10.91
C LEU A 25 3.97 -2.74 -11.75
N GLY A 26 4.75 -3.79 -11.91
CA GLY A 26 5.99 -3.67 -12.67
C GLY A 26 5.67 -3.44 -14.13
N ASP A 27 4.45 -3.77 -14.53
CA ASP A 27 4.08 -3.64 -15.93
C ASP A 27 3.41 -2.31 -16.20
N ILE A 28 3.18 -1.55 -15.14
CA ILE A 28 2.55 -0.26 -15.41
C ILE A 28 3.49 0.52 -16.30
N PRO A 29 2.93 1.12 -17.34
CA PRO A 29 3.75 1.92 -18.23
C PRO A 29 4.50 3.00 -17.49
N GLU A 30 5.64 3.42 -18.01
CA GLU A 30 6.38 4.56 -17.47
C GLU A 30 6.81 4.35 -16.03
N SER A 31 6.81 3.09 -15.61
CA SER A 31 7.01 2.76 -14.22
C SER A 31 7.85 1.52 -14.10
N HIS A 32 8.47 1.49 -12.95
CA HIS A 32 9.10 0.20 -12.62
C HIS A 32 9.30 0.16 -11.11
N ILE A 33 9.25 -1.07 -10.64
CA ILE A 33 9.42 -1.29 -9.23
C ILE A 33 10.88 -1.06 -8.86
N LEU A 34 11.05 -0.26 -7.82
CA LEU A 34 12.36 0.02 -7.29
C LEU A 34 12.68 -1.00 -6.21
N THR A 35 11.65 -1.22 -5.40
CA THR A 35 11.88 -2.09 -4.27
C THR A 35 10.54 -2.59 -3.78
N VAL A 36 10.58 -3.79 -3.21
CA VAL A 36 9.37 -4.34 -2.65
C VAL A 36 9.72 -4.72 -1.23
N SER A 37 8.88 -4.26 -0.32
CA SER A 37 9.17 -4.67 1.04
C SER A 37 8.87 -6.15 1.19
N SER A 38 9.33 -6.61 2.33
CA SER A 38 8.89 -7.96 2.68
C SER A 38 7.36 -7.93 2.80
N PHE A 39 6.89 -9.16 2.75
CA PHE A 39 5.46 -9.37 2.88
C PHE A 39 5.22 -9.56 4.36
N TYR A 40 4.22 -8.85 4.82
CA TYR A 40 3.93 -8.96 6.23
C TYR A 40 2.51 -9.47 6.43
N ARG A 41 2.43 -10.23 7.49
CA ARG A 41 1.15 -10.75 7.92
C ARG A 41 0.65 -9.76 8.97
N THR A 42 -0.53 -9.23 8.68
CA THR A 42 -1.03 -8.22 9.59
C THR A 42 -2.46 -8.53 9.96
N PRO A 43 -2.76 -8.20 11.19
CA PRO A 43 -4.13 -8.38 11.69
C PRO A 43 -5.02 -7.35 10.99
N PRO A 44 -6.21 -7.74 10.60
CA PRO A 44 -7.10 -6.83 9.85
C PRO A 44 -7.35 -5.59 10.70
N LEU A 45 -7.40 -4.46 10.02
CA LEU A 45 -7.66 -3.15 10.62
C LEU A 45 -9.09 -3.11 11.14
N GLY A 46 -9.98 -3.88 10.51
CA GLY A 46 -11.39 -3.81 10.96
C GLY A 46 -11.54 -4.66 12.21
N PRO A 47 -12.62 -5.44 12.38
CA PRO A 47 -12.72 -6.27 13.54
C PRO A 47 -11.58 -7.26 13.34
N GLN A 48 -11.74 -8.44 13.85
CA GLN A 48 -10.76 -9.46 13.52
C GLN A 48 -11.07 -9.87 12.07
N ASP A 49 -12.36 -9.70 11.74
CA ASP A 49 -12.92 -10.03 10.40
C ASP A 49 -12.75 -11.49 10.17
N GLN A 50 -11.58 -11.86 10.69
CA GLN A 50 -10.83 -13.07 10.53
C GLN A 50 -9.61 -12.58 9.75
N PRO A 51 -9.67 -12.44 8.44
CA PRO A 51 -8.51 -12.69 7.60
C PRO A 51 -7.32 -11.81 7.96
N ASP A 52 -6.19 -12.48 8.24
CA ASP A 52 -5.00 -11.64 8.27
C ASP A 52 -4.83 -11.04 6.88
N TYR A 53 -4.13 -9.92 6.82
CA TYR A 53 -3.73 -9.49 5.51
C TYR A 53 -2.26 -9.76 5.26
N LEU A 54 -1.94 -9.89 3.99
CA LEU A 54 -0.56 -9.73 3.62
C LEU A 54 -0.46 -8.26 3.22
N ASN A 55 0.52 -7.59 3.81
CA ASN A 55 0.80 -6.22 3.45
C ASN A 55 2.24 -6.09 3.00
N ALA A 56 2.41 -5.22 2.03
CA ALA A 56 3.75 -4.98 1.57
C ALA A 56 3.71 -3.54 1.05
N ALA A 57 4.87 -2.99 0.89
CA ALA A 57 5.02 -1.68 0.30
C ALA A 57 5.92 -1.85 -0.92
N VAL A 58 5.58 -1.05 -1.90
CA VAL A 58 6.34 -1.08 -3.12
C VAL A 58 6.78 0.33 -3.39
N ALA A 59 8.05 0.48 -3.70
CA ALA A 59 8.55 1.75 -4.23
C ALA A 59 8.51 1.58 -5.75
N LEU A 60 7.75 2.44 -6.42
CA LEU A 60 7.56 2.39 -7.84
C LEU A 60 8.06 3.70 -8.42
N GLU A 61 9.03 3.53 -9.29
CA GLU A 61 9.51 4.73 -9.97
C GLU A 61 8.50 4.92 -11.10
N THR A 62 8.01 6.14 -11.26
CA THR A 62 7.04 6.31 -12.34
C THR A 62 7.11 7.71 -12.87
N SER A 63 6.84 7.83 -14.16
CA SER A 63 6.71 9.18 -14.68
C SER A 63 5.24 9.49 -14.88
N LEU A 64 4.40 8.55 -14.47
CA LEU A 64 2.99 8.79 -14.60
C LEU A 64 2.56 9.90 -13.66
N ALA A 65 1.54 10.63 -14.09
CA ALA A 65 0.82 11.48 -13.17
C ALA A 65 0.17 10.58 -12.11
N PRO A 66 0.00 11.16 -10.94
CA PRO A 66 -0.54 10.31 -9.88
C PRO A 66 -1.92 9.75 -10.26
N GLU A 67 -2.76 10.55 -10.91
CA GLU A 67 -4.08 9.98 -11.19
C GLU A 67 -3.92 8.88 -12.23
N GLU A 68 -2.89 8.98 -13.07
CA GLU A 68 -2.67 7.93 -14.05
C GLU A 68 -2.16 6.67 -13.35
N LEU A 69 -1.29 6.88 -12.35
CA LEU A 69 -0.85 5.74 -11.57
C LEU A 69 -2.05 5.12 -10.86
N LEU A 70 -2.90 5.96 -10.30
CA LEU A 70 -4.07 5.45 -9.63
C LEU A 70 -4.94 4.66 -10.60
N ASN A 71 -5.05 5.14 -11.85
CA ASN A 71 -5.80 4.32 -12.79
C ASN A 71 -5.25 2.91 -12.88
N HIS A 72 -3.93 2.86 -12.87
CA HIS A 72 -3.32 1.55 -13.01
C HIS A 72 -3.48 0.76 -11.74
N THR A 73 -3.32 1.40 -10.59
CA THR A 73 -3.52 0.56 -9.40
C THR A 73 -4.95 0.11 -9.28
N GLN A 74 -5.87 1.00 -9.70
CA GLN A 74 -7.26 0.55 -9.56
C GLN A 74 -7.55 -0.53 -10.58
N ARG A 75 -6.98 -0.35 -11.75
CA ARG A 75 -7.13 -1.43 -12.74
C ARG A 75 -6.64 -2.75 -12.17
N ILE A 76 -5.46 -2.68 -11.56
CA ILE A 76 -4.88 -3.93 -11.08
C ILE A 76 -5.71 -4.51 -9.97
N GLU A 77 -6.27 -3.61 -9.15
CA GLU A 77 -7.19 -4.10 -8.14
C GLU A 77 -8.35 -4.83 -8.79
N LEU A 78 -8.86 -4.22 -9.86
CA LEU A 78 -10.01 -4.86 -10.47
C LEU A 78 -9.60 -6.15 -11.14
N GLN A 79 -8.39 -6.14 -11.71
CA GLN A 79 -8.05 -7.33 -12.46
C GLN A 79 -7.58 -8.47 -11.60
N GLN A 80 -6.91 -8.08 -10.51
CA GLN A 80 -6.26 -9.12 -9.73
C GLN A 80 -6.99 -9.46 -8.44
N GLY A 81 -8.00 -8.68 -8.13
CA GLY A 81 -8.69 -9.00 -6.89
C GLY A 81 -10.15 -8.91 -7.22
N ARG A 82 -10.92 -9.01 -6.16
CA ARG A 82 -12.34 -8.99 -6.39
C ARG A 82 -12.92 -8.42 -5.11
N VAL A 83 -14.23 -8.30 -5.22
CA VAL A 83 -14.88 -7.73 -4.07
C VAL A 83 -15.42 -8.85 -3.23
N ARG A 84 -15.22 -8.61 -1.95
CA ARG A 84 -15.84 -9.41 -0.92
C ARG A 84 -17.19 -8.74 -0.68
N LYS A 85 -18.20 -9.44 -1.14
CA LYS A 85 -19.58 -9.02 -1.02
C LYS A 85 -19.89 -8.76 0.45
N ALA A 86 -20.48 -7.62 0.73
CA ALA A 86 -21.00 -7.32 2.06
C ALA A 86 -19.91 -6.96 3.05
N GLU A 87 -18.65 -7.17 2.67
CA GLU A 87 -17.57 -6.86 3.61
C GLU A 87 -17.45 -5.35 3.75
N ARG A 88 -17.53 -4.85 4.97
CA ARG A 88 -17.43 -3.38 5.05
C ARG A 88 -15.97 -3.00 5.18
N TRP A 89 -15.27 -3.88 5.88
CA TRP A 89 -13.85 -3.53 6.11
C TRP A 89 -13.12 -4.29 5.01
N GLY A 90 -12.31 -3.65 4.19
CA GLY A 90 -11.55 -4.41 3.19
C GLY A 90 -12.46 -5.20 2.27
N PRO A 91 -13.32 -4.51 1.53
CA PRO A 91 -14.20 -5.25 0.60
C PRO A 91 -13.35 -5.88 -0.48
N ARG A 92 -12.22 -5.24 -0.84
CA ARG A 92 -11.43 -5.86 -1.91
C ARG A 92 -10.45 -6.88 -1.37
N THR A 93 -10.24 -7.91 -2.20
CA THR A 93 -9.29 -8.90 -1.72
C THR A 93 -7.88 -8.35 -1.87
N LEU A 94 -7.74 -7.41 -2.78
CA LEU A 94 -6.45 -6.84 -3.09
C LEU A 94 -6.62 -5.33 -3.14
N ASP A 95 -5.83 -4.68 -2.31
CA ASP A 95 -5.81 -3.24 -2.30
C ASP A 95 -4.40 -2.82 -2.69
N LEU A 96 -4.41 -1.86 -3.57
CA LEU A 96 -3.21 -1.17 -3.96
C LEU A 96 -3.50 0.29 -3.66
N ASP A 97 -2.76 0.78 -2.69
CA ASP A 97 -2.98 2.16 -2.32
C ASP A 97 -1.72 2.94 -2.56
N ILE A 98 -1.87 4.04 -3.25
CA ILE A 98 -0.75 4.95 -3.34
C ILE A 98 -0.62 5.63 -2.00
N MET A 99 0.49 5.33 -1.37
CA MET A 99 0.69 5.92 -0.06
C MET A 99 1.26 7.30 -0.19
N LEU A 100 2.26 7.32 -1.04
CA LEU A 100 3.00 8.55 -1.26
C LEU A 100 3.27 8.61 -2.74
N PHE A 101 3.24 9.81 -3.24
CA PHE A 101 3.59 10.00 -4.64
C PHE A 101 4.66 11.08 -4.69
N GLY A 102 5.92 10.68 -4.81
CA GLY A 102 6.98 11.65 -4.69
C GLY A 102 6.75 12.37 -3.36
N ASN A 103 6.85 13.68 -3.44
CA ASN A 103 6.58 14.51 -2.27
C ASN A 103 5.28 15.27 -2.46
N GLU A 104 4.43 14.72 -3.35
CA GLU A 104 3.21 15.43 -3.70
C GLU A 104 2.13 15.19 -2.65
N VAL A 105 1.41 16.29 -2.52
CA VAL A 105 0.19 16.28 -1.75
C VAL A 105 -0.98 16.32 -2.70
N ILE A 106 -1.84 15.33 -2.56
CA ILE A 106 -2.94 15.25 -3.51
C ILE A 106 -4.20 15.07 -2.70
N ASN A 107 -5.13 15.96 -3.03
CA ASN A 107 -6.37 15.94 -2.28
C ASN A 107 -7.48 16.14 -3.29
N THR A 108 -7.73 15.09 -4.05
CA THR A 108 -8.75 15.25 -5.07
C THR A 108 -9.83 14.23 -4.72
N GLU A 109 -10.90 14.35 -5.45
CA GLU A 109 -11.98 13.40 -5.24
C GLU A 109 -11.49 11.99 -5.49
N ARG A 110 -10.53 11.80 -6.41
CA ARG A 110 -10.05 10.44 -6.58
C ARG A 110 -8.97 9.98 -5.64
N LEU A 111 -8.18 10.97 -5.20
CA LEU A 111 -6.90 10.54 -4.66
C LEU A 111 -6.51 11.45 -3.53
N THR A 112 -6.16 10.84 -2.41
CA THR A 112 -5.61 11.55 -1.28
C THR A 112 -4.23 10.94 -1.09
N VAL A 113 -3.26 11.84 -1.22
CA VAL A 113 -1.89 11.43 -1.14
C VAL A 113 -1.26 12.46 -0.19
N PRO A 114 -0.62 12.12 0.90
CA PRO A 114 -0.41 10.78 1.44
C PRO A 114 -1.72 10.07 1.76
N HIS A 115 -1.62 8.78 1.68
CA HIS A 115 -2.81 7.98 1.89
C HIS A 115 -3.48 8.41 3.19
N TYR A 116 -4.79 8.50 3.07
CA TYR A 116 -5.50 9.31 4.04
C TYR A 116 -5.42 8.75 5.45
N ASP A 117 -5.04 7.51 5.61
CA ASP A 117 -5.10 6.90 6.92
C ASP A 117 -3.81 6.16 7.24
N MET A 118 -2.79 6.36 6.39
CA MET A 118 -1.67 5.46 6.53
C MET A 118 -0.96 5.67 7.85
N LYS A 119 -1.09 6.87 8.37
CA LYS A 119 -0.36 7.18 9.60
C LYS A 119 -0.98 6.45 10.78
N ASN A 120 -2.18 5.90 10.56
CA ASN A 120 -2.80 5.09 11.59
C ASN A 120 -2.59 3.61 11.38
N ARG A 121 -1.82 3.27 10.36
CA ARG A 121 -1.84 1.87 9.97
C ARG A 121 -0.44 1.32 9.99
N GLY A 122 -0.11 0.60 11.06
CA GLY A 122 1.17 -0.05 11.12
C GLY A 122 1.37 -0.89 9.88
N PHE A 123 0.30 -1.49 9.37
CA PHE A 123 0.47 -2.40 8.23
C PHE A 123 0.85 -1.61 6.98
N MET A 124 0.64 -0.30 7.01
CA MET A 124 1.16 0.47 5.89
C MET A 124 2.52 1.04 6.25
N LEU A 125 2.61 1.51 7.48
CA LEU A 125 3.83 2.21 7.81
C LEU A 125 5.03 1.30 7.95
N TRP A 126 4.84 0.18 8.60
CA TRP A 126 6.02 -0.67 8.79
C TRP A 126 6.59 -1.18 7.49
N PRO A 127 5.81 -1.65 6.54
CA PRO A 127 6.46 -2.13 5.30
C PRO A 127 7.12 -0.97 4.58
N LEU A 128 6.44 0.18 4.62
CA LEU A 128 7.07 1.34 3.98
C LEU A 128 8.36 1.68 4.68
N PHE A 129 8.35 1.56 6.00
CA PHE A 129 9.55 1.92 6.75
C PHE A 129 10.67 0.97 6.43
N GLU A 130 10.29 -0.28 6.13
CA GLU A 130 11.31 -1.22 5.73
C GLU A 130 12.04 -0.73 4.50
N ILE A 131 11.28 -0.16 3.56
CA ILE A 131 11.95 0.15 2.31
C ILE A 131 12.31 1.61 2.19
N ALA A 132 11.80 2.41 3.13
CA ALA A 132 12.03 3.85 3.07
C ALA A 132 12.10 4.37 4.50
N PRO A 133 13.05 3.86 5.27
CA PRO A 133 13.05 4.20 6.69
C PRO A 133 13.24 5.69 6.91
N GLU A 134 13.84 6.35 5.92
CA GLU A 134 14.15 7.77 6.13
C GLU A 134 13.08 8.66 5.53
N LEU A 135 12.00 8.02 5.14
CA LEU A 135 10.99 8.78 4.44
C LEU A 135 10.44 9.94 5.25
N VAL A 136 10.32 11.04 4.53
CA VAL A 136 9.74 12.25 5.07
C VAL A 136 8.52 12.51 4.20
N PHE A 137 7.42 12.73 4.91
CA PHE A 137 6.18 13.00 4.25
C PHE A 137 6.22 14.43 3.73
N PRO A 138 5.36 14.70 2.77
CA PRO A 138 5.38 16.05 2.18
C PRO A 138 5.28 17.14 3.21
N ASP A 139 4.53 16.83 4.28
CA ASP A 139 4.43 17.92 5.25
C ASP A 139 5.60 17.95 6.23
N GLY A 140 6.53 17.05 6.09
CA GLY A 140 7.71 17.19 6.92
C GLY A 140 7.64 16.16 8.03
N GLU A 141 6.49 15.49 8.16
CA GLU A 141 6.47 14.37 9.08
C GLU A 141 7.44 13.30 8.62
N MET A 142 7.89 12.52 9.58
CA MET A 142 8.86 11.50 9.29
C MET A 142 8.25 10.16 9.64
N LEU A 143 8.44 9.29 8.67
CA LEU A 143 7.82 8.00 8.83
C LEU A 143 8.33 7.35 10.10
N ARG A 144 9.66 7.51 10.27
CA ARG A 144 10.27 6.88 11.45
C ARG A 144 9.62 7.45 12.71
N GLN A 145 9.38 8.75 12.65
CA GLN A 145 8.81 9.38 13.83
C GLN A 145 7.44 8.86 14.14
N ILE A 146 6.65 8.75 13.07
CA ILE A 146 5.27 8.28 13.28
C ILE A 146 5.30 6.93 13.96
N LEU A 147 6.21 6.09 13.44
CA LEU A 147 6.29 4.77 14.07
C LEU A 147 6.76 4.81 15.51
N HIS A 148 7.72 5.70 15.70
CA HIS A 148 8.35 5.86 17.02
C HIS A 148 7.26 6.27 18.01
N THR A 149 6.46 7.23 17.57
CA THR A 149 5.42 7.70 18.48
C THR A 149 4.18 6.90 18.68
N ARG A 150 3.69 6.23 17.67
CA ARG A 150 2.41 5.55 17.80
C ARG A 150 2.60 4.12 18.33
N ALA A 151 3.84 3.71 18.31
CA ALA A 151 4.16 2.37 18.79
C ALA A 151 3.26 1.29 18.20
N PHE A 152 3.25 1.28 16.88
CA PHE A 152 2.51 0.30 16.13
C PHE A 152 3.18 -1.06 16.27
N ASP A 153 2.38 -2.07 16.50
CA ASP A 153 2.99 -3.37 16.67
C ASP A 153 3.84 -3.68 15.44
N LYS A 154 5.03 -4.20 15.72
CA LYS A 154 5.77 -4.66 14.56
C LYS A 154 4.95 -5.75 13.87
N LEU A 155 5.23 -5.83 12.58
CA LEU A 155 4.61 -6.84 11.76
C LEU A 155 5.55 -8.01 11.59
N ASN A 156 4.89 -9.16 11.61
CA ASN A 156 5.56 -10.39 11.30
C ASN A 156 5.51 -10.52 9.80
N LYS A 157 6.61 -11.05 9.29
CA LYS A 157 6.64 -11.32 7.88
C LYS A 157 5.68 -12.48 7.62
N TRP A 158 5.14 -12.43 6.42
CA TRP A 158 4.20 -13.46 6.03
C TRP A 158 4.81 -14.85 6.12
N1 HH2 B . -6.69 -2.96 4.29
C2 HH2 B . -7.94 -2.60 4.45
C3 HH2 B . -8.82 -2.83 5.70
N4 HH2 B . -8.07 -3.54 6.76
N5 HH2 B . -6.03 -4.60 7.62
C6 HH2 B . -4.75 -4.97 7.44
N6 HH2 B . -4.07 -5.62 8.43
N7 HH2 B . -4.05 -4.69 6.22
C8 HH2 B . -4.70 -4.00 5.13
O8 HH2 B . -4.17 -3.74 4.10
C9 HH2 B . -6.07 -3.62 5.34
C10 HH2 B . -6.73 -3.92 6.59
C11 HH2 B . -8.58 -1.90 3.33
O4 HH2 B . -9.96 -1.61 3.90
P1 HH2 B . -11.00 -0.83 3.15
O1P HH2 B . -12.44 -1.12 3.50
O2P HH2 B . -10.86 -1.06 1.64
O3P HH2 B . -10.82 0.78 3.31
P2 HH2 B . -9.59 1.77 2.95
O4P HH2 B . -8.82 2.09 4.21
O5P HH2 B . -8.68 1.13 1.95
O6P HH2 B . -10.14 3.06 2.33
#